data_2APO
#
_entry.id   2APO
#
_cell.length_a   118.289
_cell.length_b   63.189
_cell.length_c   67.896
_cell.angle_alpha   90.00
_cell.angle_beta   102.62
_cell.angle_gamma   90.00
#
_symmetry.space_group_name_H-M   'C 1 2 1'
#
loop_
_entity.id
_entity.type
_entity.pdbx_description
1 polymer 'Probable tRNA pseudouridine synthase B'
2 polymer 'Ribosome biogenesis protein Nop10'
3 non-polymer 'POTASSIUM ION'
4 non-polymer 'ZINC ION'
5 water water
#
loop_
_entity_poly.entity_id
_entity_poly.type
_entity_poly.pdbx_seq_one_letter_code
_entity_poly.pdbx_strand_id
1 'polypeptide(L)'
;MGHHHHHHHHHHSSGHIEGRHMILLEKTQEKKINDKEELIVKEEVETNWDYGCNPYERKIEDLIKYGVVVVDKPRGPTSH
EVSTWVKKILNLDKAGHGGTLDPKVTGVLPVALERATKTIPMWHIPPKEYVCLMHLHRDASEEDILRVFKEFTGRIYQRP
PLKAAVKRRLRIRKIHELELLDKDGKDVLFRVKCQSGTYIRKLCEDIGEALGTSAHMQELRRTKSGCFEEKDAVYLQDLL
DAYVFWKEDGDEEELRRVIKPMEYGLRHLKKVVVKDSAVDAICHGADVYVRGIAKLSKGIGKGETVLVETLKGEAVAVGK
ALMNTKEILNADKGVAVDVERVYMDRGTYPRMWKRKK
;
A
2 'polypeptide(L)' (MSE)VE(MSE)R(MSE)KKCPKCGLYTLKEICPKCGEKTVIPKPPKFSLEDRWGKYRR(MSE)LKRALKNKNKAE B
#
loop_
_chem_comp.id
_chem_comp.type
_chem_comp.name
_chem_comp.formula
K non-polymer 'POTASSIUM ION' 'K 1'
ZN non-polymer 'ZINC ION' 'Zn 2'
#
# COMPACT_ATOMS: atom_id res chain seq x y z
N GLU A 38 11.31 16.47 6.78
CA GLU A 38 12.08 16.97 7.96
C GLU A 38 11.14 17.29 9.13
N LEU A 39 11.59 16.93 10.33
CA LEU A 39 10.82 17.16 11.54
C LEU A 39 11.42 18.32 12.32
N ILE A 40 10.62 18.93 13.19
CA ILE A 40 11.08 20.02 14.02
C ILE A 40 11.40 19.42 15.39
N VAL A 41 12.59 19.70 15.89
CA VAL A 41 12.99 19.17 17.19
C VAL A 41 12.46 20.06 18.31
N LYS A 42 11.70 19.48 19.23
CA LYS A 42 11.18 20.26 20.35
C LYS A 42 12.18 20.08 21.49
N GLU A 43 12.62 18.85 21.67
CA GLU A 43 13.60 18.52 22.70
C GLU A 43 14.45 17.36 22.23
N GLU A 44 15.76 17.51 22.35
CA GLU A 44 16.69 16.46 21.95
C GLU A 44 16.69 15.45 23.07
N VAL A 45 16.38 14.20 22.73
N VAL A 45 16.37 14.20 22.74
CA VAL A 45 16.32 13.13 23.73
CA VAL A 45 16.33 13.14 23.75
C VAL A 45 16.98 11.86 23.22
C VAL A 45 16.98 11.87 23.23
N GLU A 46 17.48 11.05 24.14
CA GLU A 46 18.12 9.79 23.77
C GLU A 46 17.08 8.68 23.89
N THR A 47 17.28 7.60 23.14
CA THR A 47 16.37 6.46 23.20
C THR A 47 17.15 5.25 23.72
N ASN A 48 16.49 4.40 24.49
CA ASN A 48 17.15 3.23 25.05
C ASN A 48 17.01 2.06 24.09
N TRP A 49 18.14 1.59 23.55
CA TRP A 49 18.09 0.49 22.61
C TRP A 49 17.81 -0.87 23.24
N ASP A 50 17.48 -0.86 24.53
CA ASP A 50 17.14 -2.09 25.23
C ASP A 50 15.66 -2.38 25.01
N TYR A 51 14.92 -1.40 24.51
CA TYR A 51 13.49 -1.57 24.27
C TYR A 51 13.13 -1.24 22.82
N GLY A 52 12.27 -2.07 22.24
CA GLY A 52 11.87 -1.86 20.86
C GLY A 52 13.08 -1.93 19.95
N CYS A 53 12.95 -1.41 18.74
CA CYS A 53 14.06 -1.41 17.78
C CYS A 53 13.62 -0.71 16.52
N ASN A 54 14.54 -0.60 15.57
CA ASN A 54 14.22 0.02 14.30
C ASN A 54 13.23 -0.94 13.64
N PRO A 55 12.12 -0.42 13.10
CA PRO A 55 11.14 -1.29 12.47
C PRO A 55 11.69 -2.24 11.40
N TYR A 56 12.74 -1.82 10.70
CA TYR A 56 13.34 -2.69 9.68
C TYR A 56 14.37 -3.65 10.23
N GLU A 57 14.60 -3.59 11.54
CA GLU A 57 15.58 -4.47 12.17
C GLU A 57 14.94 -5.37 13.21
N ARG A 58 13.65 -5.60 13.09
CA ARG A 58 12.92 -6.45 14.02
C ARG A 58 13.33 -7.90 13.85
N LYS A 59 13.21 -8.67 14.92
CA LYS A 59 13.51 -10.10 14.85
C LYS A 59 12.45 -10.55 13.85
N ILE A 60 12.69 -11.66 13.16
CA ILE A 60 11.75 -12.13 12.15
C ILE A 60 10.31 -12.27 12.64
N GLU A 61 10.12 -12.84 13.83
CA GLU A 61 8.78 -13.04 14.38
C GLU A 61 8.04 -11.71 14.58
N ASP A 62 8.77 -10.68 14.99
CA ASP A 62 8.17 -9.36 15.20
C ASP A 62 7.93 -8.63 13.90
N LEU A 63 8.75 -8.92 12.90
CA LEU A 63 8.57 -8.30 11.60
C LEU A 63 7.21 -8.80 11.08
N ILE A 64 6.95 -10.09 11.29
CA ILE A 64 5.70 -10.71 10.87
C ILE A 64 4.55 -10.16 11.72
N LYS A 65 4.81 -10.07 13.03
CA LYS A 65 3.83 -9.57 13.99
C LYS A 65 3.30 -8.20 13.58
N TYR A 66 4.20 -7.32 13.14
CA TYR A 66 3.83 -5.96 12.72
C TYR A 66 4.11 -5.76 11.23
N GLY A 67 3.85 -6.79 10.44
CA GLY A 67 4.15 -6.71 9.01
C GLY A 67 3.01 -6.56 8.03
N VAL A 68 3.38 -6.29 6.78
CA VAL A 68 2.44 -6.13 5.68
C VAL A 68 3.06 -6.73 4.42
N VAL A 69 2.27 -7.55 3.73
CA VAL A 69 2.72 -8.15 2.49
C VAL A 69 1.92 -7.51 1.37
N VAL A 70 2.62 -6.87 0.43
CA VAL A 70 1.93 -6.26 -0.70
C VAL A 70 1.86 -7.32 -1.79
N VAL A 71 0.69 -7.95 -1.92
CA VAL A 71 0.48 -9.00 -2.91
C VAL A 71 0.08 -8.44 -4.27
N ASP A 72 0.55 -9.05 -5.34
CA ASP A 72 0.13 -8.64 -6.68
C ASP A 72 -1.01 -9.64 -6.91
N LYS A 73 -2.23 -9.20 -6.62
CA LYS A 73 -3.42 -10.05 -6.74
C LYS A 73 -3.64 -10.71 -8.09
N PRO A 74 -3.83 -12.04 -8.09
CA PRO A 74 -4.07 -12.78 -9.34
C PRO A 74 -5.48 -12.57 -9.82
N ARG A 75 -5.70 -12.74 -11.13
CA ARG A 75 -7.03 -12.60 -11.70
C ARG A 75 -7.79 -13.89 -11.40
N GLY A 76 -8.98 -13.79 -10.80
CA GLY A 76 -9.74 -14.98 -10.49
C GLY A 76 -10.20 -15.04 -9.04
N PRO A 77 -9.28 -15.16 -8.07
CA PRO A 77 -9.70 -15.21 -6.67
C PRO A 77 -10.23 -13.88 -6.14
N THR A 78 -10.97 -13.94 -5.04
CA THR A 78 -11.51 -12.74 -4.44
C THR A 78 -10.39 -12.19 -3.57
N SER A 79 -10.53 -10.95 -3.10
CA SER A 79 -9.51 -10.37 -2.25
C SER A 79 -9.45 -11.15 -0.94
N HIS A 80 -10.61 -11.61 -0.47
CA HIS A 80 -10.69 -12.37 0.77
C HIS A 80 -9.93 -13.70 0.64
N GLU A 81 -10.07 -14.38 -0.51
CA GLU A 81 -9.34 -15.64 -0.71
C GLU A 81 -7.84 -15.36 -0.61
N VAL A 82 -7.41 -14.23 -1.17
CA VAL A 82 -5.99 -13.86 -1.13
C VAL A 82 -5.50 -13.65 0.31
N SER A 83 -6.24 -12.89 1.12
CA SER A 83 -5.80 -12.69 2.50
C SER A 83 -5.78 -14.02 3.24
N THR A 84 -6.72 -14.91 2.90
CA THR A 84 -6.80 -16.22 3.52
C THR A 84 -5.54 -17.01 3.16
N TRP A 85 -5.16 -16.97 1.89
CA TRP A 85 -3.96 -17.67 1.45
C TRP A 85 -2.73 -17.15 2.19
N VAL A 86 -2.59 -15.83 2.28
CA VAL A 86 -1.45 -15.25 2.97
C VAL A 86 -1.41 -15.78 4.40
N LYS A 87 -2.58 -15.81 5.02
CA LYS A 87 -2.75 -16.28 6.38
C LYS A 87 -2.26 -17.72 6.52
N LYS A 88 -2.63 -18.56 5.56
CA LYS A 88 -2.24 -19.97 5.59
C LYS A 88 -0.75 -20.14 5.28
N ILE A 89 -0.27 -19.41 4.27
CA ILE A 89 1.13 -19.48 3.88
C ILE A 89 2.08 -19.17 5.03
N LEU A 90 1.79 -18.12 5.78
CA LEU A 90 2.64 -17.71 6.89
C LEU A 90 2.20 -18.31 8.23
N ASN A 91 1.23 -19.23 8.19
N ASN A 91 1.23 -19.23 8.19
CA ASN A 91 0.73 -19.88 9.38
CA ASN A 91 0.71 -19.88 9.38
C ASN A 91 0.38 -18.84 10.46
C ASN A 91 0.38 -18.85 10.45
N LEU A 92 -0.43 -17.86 10.08
CA LEU A 92 -0.82 -16.79 10.99
C LEU A 92 -2.22 -17.03 11.54
N ASP A 93 -2.56 -16.30 12.59
CA ASP A 93 -3.88 -16.41 13.20
C ASP A 93 -4.77 -15.30 12.67
N LYS A 94 -4.15 -14.22 12.20
CA LYS A 94 -4.92 -13.08 11.70
C LYS A 94 -4.24 -12.36 10.54
N ALA A 95 -5.04 -11.95 9.56
CA ALA A 95 -4.55 -11.22 8.40
C ALA A 95 -5.72 -10.48 7.79
N GLY A 96 -5.45 -9.35 7.14
CA GLY A 96 -6.52 -8.61 6.51
C GLY A 96 -6.02 -7.77 5.36
N HIS A 97 -6.82 -7.66 4.30
CA HIS A 97 -6.39 -6.87 3.16
C HIS A 97 -6.95 -5.46 3.25
N GLY A 98 -6.48 -4.59 2.36
CA GLY A 98 -6.95 -3.22 2.35
C GLY A 98 -8.03 -3.03 1.29
N GLY A 99 -7.96 -1.94 0.54
CA GLY A 99 -8.95 -1.67 -0.50
C GLY A 99 -9.30 -2.91 -1.30
N THR A 100 -10.52 -3.40 -1.14
CA THR A 100 -10.96 -4.59 -1.86
C THR A 100 -10.87 -4.46 -3.37
N LEU A 101 -10.32 -5.49 -4.01
CA LEU A 101 -10.24 -5.54 -5.46
C LEU A 101 -11.20 -6.64 -5.89
N ASP A 102 -11.92 -6.42 -6.98
CA ASP A 102 -12.85 -7.44 -7.45
C ASP A 102 -12.11 -8.66 -7.98
N PRO A 103 -12.80 -9.80 -8.10
CA PRO A 103 -12.24 -11.06 -8.59
C PRO A 103 -11.38 -10.98 -9.84
N LYS A 104 -11.82 -10.24 -10.85
CA LYS A 104 -11.09 -10.16 -12.11
C LYS A 104 -10.01 -9.07 -12.15
N VAL A 105 -9.92 -8.29 -11.09
CA VAL A 105 -8.94 -7.22 -11.03
C VAL A 105 -7.63 -7.72 -10.42
N THR A 106 -6.51 -7.28 -10.98
CA THR A 106 -5.22 -7.71 -10.45
C THR A 106 -4.47 -6.50 -9.89
N GLY A 107 -3.31 -6.75 -9.32
CA GLY A 107 -2.50 -5.65 -8.80
C GLY A 107 -2.33 -5.51 -7.31
N VAL A 108 -1.85 -4.33 -6.92
CA VAL A 108 -1.55 -4.01 -5.53
C VAL A 108 -2.66 -4.27 -4.52
N LEU A 109 -2.43 -5.27 -3.68
CA LEU A 109 -3.37 -5.64 -2.63
C LEU A 109 -2.59 -5.85 -1.32
N PRO A 110 -2.43 -4.79 -0.53
CA PRO A 110 -1.71 -4.87 0.74
C PRO A 110 -2.47 -5.80 1.69
N VAL A 111 -1.75 -6.69 2.36
CA VAL A 111 -2.38 -7.60 3.31
C VAL A 111 -1.65 -7.46 4.64
N ALA A 112 -2.32 -6.84 5.61
CA ALA A 112 -1.74 -6.63 6.94
C ALA A 112 -1.70 -7.96 7.70
N LEU A 113 -0.61 -8.17 8.42
CA LEU A 113 -0.43 -9.39 9.20
C LEU A 113 -0.54 -9.11 10.71
N GLU A 114 -1.20 -10.02 11.42
CA GLU A 114 -1.37 -9.92 12.86
C GLU A 114 -1.73 -8.52 13.39
N ARG A 115 -0.85 -7.92 14.18
CA ARG A 115 -1.12 -6.60 14.75
C ARG A 115 -1.28 -5.50 13.71
N ALA A 116 -0.63 -5.65 12.55
CA ALA A 116 -0.71 -4.65 11.49
C ALA A 116 -2.14 -4.43 10.99
N THR A 117 -3.03 -5.39 11.24
CA THR A 117 -4.40 -5.22 10.79
C THR A 117 -5.04 -4.00 11.46
N LYS A 118 -4.50 -3.60 12.60
CA LYS A 118 -5.01 -2.44 13.32
C LYS A 118 -4.78 -1.14 12.56
N THR A 119 -3.80 -1.14 11.66
CA THR A 119 -3.45 0.04 10.86
C THR A 119 -4.23 0.22 9.55
N ILE A 120 -4.93 -0.82 9.11
CA ILE A 120 -5.68 -0.77 7.85
C ILE A 120 -6.57 0.48 7.66
N PRO A 121 -7.25 0.94 8.72
CA PRO A 121 -8.10 2.13 8.55
C PRO A 121 -7.37 3.39 8.03
N MET A 122 -6.04 3.44 8.14
CA MET A 122 -5.27 4.60 7.67
C MET A 122 -4.93 4.51 6.18
N TRP A 123 -5.01 3.31 5.63
CA TRP A 123 -4.65 3.09 4.23
C TRP A 123 -5.50 3.78 3.18
N HIS A 124 -6.77 4.06 3.48
CA HIS A 124 -7.63 4.71 2.48
C HIS A 124 -7.32 6.17 2.23
N ILE A 125 -6.59 6.81 3.16
CA ILE A 125 -6.29 8.22 3.04
C ILE A 125 -5.57 8.63 1.75
N PRO A 126 -4.41 8.04 1.45
CA PRO A 126 -3.80 8.49 0.20
C PRO A 126 -4.60 8.06 -1.04
N PRO A 127 -4.30 8.66 -2.20
CA PRO A 127 -5.05 8.27 -3.41
C PRO A 127 -4.63 6.90 -3.93
N LYS A 128 -5.45 6.35 -4.82
CA LYS A 128 -5.16 5.06 -5.44
C LYS A 128 -4.91 5.33 -6.91
N GLU A 129 -4.26 4.39 -7.59
CA GLU A 129 -4.00 4.53 -9.02
C GLU A 129 -4.24 3.20 -9.72
N TYR A 130 -4.80 3.26 -10.92
CA TYR A 130 -5.10 2.06 -11.70
C TYR A 130 -4.79 2.25 -13.17
N VAL A 131 -4.56 1.15 -13.88
CA VAL A 131 -4.39 1.22 -15.32
C VAL A 131 -5.66 0.50 -15.73
N CYS A 132 -6.41 1.06 -16.66
CA CYS A 132 -7.68 0.48 -17.06
C CYS A 132 -7.89 0.38 -18.56
N LEU A 133 -8.48 -0.72 -19.01
CA LEU A 133 -8.78 -0.91 -20.43
C LEU A 133 -10.28 -0.80 -20.56
N MET A 134 -10.70 0.25 -21.26
CA MET A 134 -12.10 0.57 -21.50
C MET A 134 -12.47 0.30 -22.96
N HIS A 135 -13.65 -0.25 -23.20
CA HIS A 135 -14.06 -0.53 -24.57
C HIS A 135 -15.28 0.31 -24.94
N LEU A 136 -15.09 1.27 -25.83
CA LEU A 136 -16.17 2.14 -26.28
C LEU A 136 -17.12 1.35 -27.18
N HIS A 137 -18.40 1.72 -27.17
CA HIS A 137 -19.39 1.04 -28.01
C HIS A 137 -19.23 1.50 -29.46
N ARG A 138 -18.79 2.75 -29.63
CA ARG A 138 -18.55 3.34 -30.93
C ARG A 138 -17.23 4.10 -30.84
N ASP A 139 -16.42 4.05 -31.89
CA ASP A 139 -15.12 4.71 -31.88
C ASP A 139 -15.23 6.22 -31.67
N ALA A 140 -14.22 6.79 -30.99
CA ALA A 140 -14.19 8.23 -30.74
C ALA A 140 -12.79 8.73 -31.06
N SER A 141 -12.68 9.99 -31.45
CA SER A 141 -11.36 10.54 -31.79
C SER A 141 -10.52 10.71 -30.53
N GLU A 142 -9.21 10.67 -30.70
CA GLU A 142 -8.29 10.83 -29.59
C GLU A 142 -8.47 12.22 -28.96
N GLU A 143 -8.76 13.22 -29.78
CA GLU A 143 -8.97 14.57 -29.28
C GLU A 143 -10.20 14.64 -28.35
N ASP A 144 -11.29 13.98 -28.73
CA ASP A 144 -12.48 13.99 -27.89
C ASP A 144 -12.27 13.26 -26.56
N ILE A 145 -11.49 12.18 -26.59
CA ILE A 145 -11.18 11.43 -25.37
C ILE A 145 -10.36 12.30 -24.42
N LEU A 146 -9.35 12.97 -24.96
CA LEU A 146 -8.49 13.85 -24.16
C LEU A 146 -9.32 14.96 -23.54
N ARG A 147 -10.22 15.52 -24.32
CA ARG A 147 -11.08 16.59 -23.82
C ARG A 147 -11.93 16.08 -22.67
N VAL A 148 -12.57 14.93 -22.85
CA VAL A 148 -13.41 14.36 -21.80
C VAL A 148 -12.60 13.99 -20.55
N PHE A 149 -11.36 13.55 -20.73
CA PHE A 149 -10.53 13.19 -19.59
C PHE A 149 -10.32 14.45 -18.74
N LYS A 150 -10.18 15.60 -19.39
CA LYS A 150 -10.01 16.86 -18.69
C LYS A 150 -11.30 17.20 -17.95
N GLU A 151 -12.42 16.98 -18.62
CA GLU A 151 -13.72 17.24 -18.02
C GLU A 151 -13.95 16.41 -16.76
N PHE A 152 -13.39 15.20 -16.73
CA PHE A 152 -13.55 14.33 -15.57
C PHE A 152 -12.50 14.57 -14.51
N THR A 153 -11.43 15.26 -14.87
CA THR A 153 -10.38 15.56 -13.91
C THR A 153 -10.93 16.52 -12.87
N GLY A 154 -10.95 16.10 -11.62
CA GLY A 154 -11.47 16.93 -10.54
C GLY A 154 -12.56 16.20 -9.78
N ARG A 155 -13.56 16.94 -9.30
CA ARG A 155 -14.66 16.33 -8.56
C ARG A 155 -15.73 15.74 -9.47
N ILE A 156 -16.22 14.56 -9.09
CA ILE A 156 -17.28 13.88 -9.85
C ILE A 156 -18.24 13.24 -8.86
N TYR A 157 -19.35 12.71 -9.35
CA TYR A 157 -20.34 12.07 -8.49
C TYR A 157 -20.61 10.62 -8.87
N GLN A 158 -20.80 9.77 -7.85
CA GLN A 158 -21.08 8.35 -8.04
C GLN A 158 -21.85 7.77 -6.84
N ARG A 159 -22.62 6.72 -7.08
CA ARG A 159 -23.38 6.04 -6.03
C ARG A 159 -23.01 4.56 -5.98
N ARG A 171 -22.05 9.92 -3.90
CA ARG A 171 -20.80 10.32 -3.27
C ARG A 171 -20.05 11.23 -4.22
N ILE A 172 -19.19 12.07 -3.65
CA ILE A 172 -18.38 12.98 -4.44
C ILE A 172 -16.95 12.45 -4.31
N ARG A 173 -16.35 12.08 -5.42
CA ARG A 173 -14.99 11.56 -5.40
C ARG A 173 -14.10 12.44 -6.26
N LYS A 174 -12.83 12.54 -5.90
CA LYS A 174 -11.90 13.37 -6.65
C LYS A 174 -11.04 12.53 -7.61
N ILE A 175 -10.93 13.01 -8.84
CA ILE A 175 -10.13 12.37 -9.87
C ILE A 175 -8.94 13.30 -10.03
N HIS A 176 -7.80 12.87 -9.53
CA HIS A 176 -6.60 13.68 -9.60
C HIS A 176 -5.94 13.69 -10.97
N GLU A 177 -5.80 12.52 -11.57
CA GLU A 177 -5.16 12.41 -12.87
C GLU A 177 -5.88 11.40 -13.75
N LEU A 178 -5.93 11.68 -15.04
CA LEU A 178 -6.58 10.81 -16.00
C LEU A 178 -5.71 10.97 -17.25
N GLU A 179 -4.91 9.95 -17.53
CA GLU A 179 -3.97 9.96 -18.66
C GLU A 179 -4.25 8.90 -19.71
N LEU A 180 -4.25 9.31 -20.98
CA LEU A 180 -4.46 8.38 -22.08
C LEU A 180 -3.13 7.70 -22.34
N LEU A 181 -3.07 6.39 -22.14
CA LEU A 181 -1.84 5.61 -22.33
C LEU A 181 -1.72 5.06 -23.75
N ASP A 182 -2.83 4.58 -24.28
CA ASP A 182 -2.82 4.02 -25.63
C ASP A 182 -4.24 3.86 -26.12
N LYS A 183 -4.40 3.78 -27.43
CA LYS A 183 -5.71 3.64 -28.03
C LYS A 183 -5.63 2.86 -29.33
N ASP A 184 -6.60 1.96 -29.52
CA ASP A 184 -6.70 1.17 -30.73
C ASP A 184 -8.18 1.03 -31.02
N GLY A 185 -8.68 1.87 -31.91
CA GLY A 185 -10.09 1.84 -32.23
C GLY A 185 -10.88 2.13 -30.97
N LYS A 186 -11.87 1.30 -30.68
CA LYS A 186 -12.72 1.47 -29.52
C LYS A 186 -12.06 1.08 -28.20
N ASP A 187 -10.85 0.54 -28.27
CA ASP A 187 -10.14 0.14 -27.06
C ASP A 187 -9.24 1.27 -26.57
N VAL A 188 -9.54 1.76 -25.37
CA VAL A 188 -8.82 2.86 -24.75
C VAL A 188 -8.16 2.44 -23.44
N LEU A 189 -6.84 2.58 -23.39
CA LEU A 189 -6.07 2.23 -22.21
C LEU A 189 -5.67 3.52 -21.51
N PHE A 190 -6.05 3.67 -20.25
CA PHE A 190 -5.74 4.87 -19.51
C PHE A 190 -5.33 4.63 -18.07
N ARG A 191 -4.61 5.60 -17.52
CA ARG A 191 -4.17 5.57 -16.14
C ARG A 191 -5.05 6.57 -15.39
N VAL A 192 -5.50 6.18 -14.21
CA VAL A 192 -6.31 7.07 -13.40
C VAL A 192 -5.82 7.05 -11.94
N LYS A 193 -5.65 8.24 -11.39
CA LYS A 193 -5.24 8.42 -9.99
C LYS A 193 -6.48 9.03 -9.38
N CYS A 194 -7.02 8.40 -8.34
CA CYS A 194 -8.25 8.88 -7.73
C CYS A 194 -8.39 8.63 -6.24
N GLN A 195 -9.42 9.23 -5.67
CA GLN A 195 -9.71 9.08 -4.24
C GLN A 195 -10.22 7.67 -3.98
N SER A 196 -9.91 7.12 -2.81
CA SER A 196 -10.39 5.79 -2.46
C SER A 196 -11.90 5.78 -2.52
N GLY A 197 -12.48 4.63 -2.87
CA GLY A 197 -13.93 4.56 -2.95
C GLY A 197 -14.50 4.85 -4.33
N THR A 198 -13.66 5.39 -5.21
CA THR A 198 -14.07 5.70 -6.57
C THR A 198 -14.26 4.39 -7.33
N TYR A 199 -15.42 4.21 -7.95
CA TYR A 199 -15.68 3.00 -8.72
C TYR A 199 -15.19 3.23 -10.16
N ILE A 200 -14.17 2.48 -10.55
CA ILE A 200 -13.61 2.65 -11.88
C ILE A 200 -14.56 2.12 -12.96
N ARG A 201 -15.34 1.10 -12.64
CA ARG A 201 -16.28 0.55 -13.61
C ARG A 201 -17.30 1.64 -13.98
N LYS A 202 -17.78 2.37 -12.98
CA LYS A 202 -18.74 3.44 -13.21
C LYS A 202 -18.09 4.63 -13.92
N LEU A 203 -16.82 4.88 -13.63
CA LEU A 203 -16.11 5.98 -14.29
C LEU A 203 -16.04 5.70 -15.79
N CYS A 204 -15.80 4.44 -16.16
CA CYS A 204 -15.72 4.08 -17.57
C CYS A 204 -17.06 4.32 -18.26
N GLU A 205 -18.14 3.98 -17.58
CA GLU A 205 -19.48 4.15 -18.15
C GLU A 205 -19.79 5.62 -18.38
N ASP A 206 -19.51 6.45 -17.38
CA ASP A 206 -19.78 7.88 -17.50
C ASP A 206 -18.91 8.53 -18.56
N ILE A 207 -17.68 8.04 -18.73
CA ILE A 207 -16.82 8.62 -19.76
C ILE A 207 -17.40 8.24 -21.12
N GLY A 208 -17.92 7.02 -21.24
CA GLY A 208 -18.52 6.59 -22.49
C GLY A 208 -19.69 7.47 -22.85
N GLU A 209 -20.54 7.76 -21.87
CA GLU A 209 -21.70 8.61 -22.10
C GLU A 209 -21.28 10.04 -22.43
N ALA A 210 -20.22 10.52 -21.78
CA ALA A 210 -19.73 11.88 -22.02
C ALA A 210 -19.19 12.04 -23.45
N LEU A 211 -18.84 10.91 -24.07
CA LEU A 211 -18.32 10.88 -25.42
C LEU A 211 -19.45 10.76 -26.46
N GLY A 212 -20.68 10.60 -25.98
CA GLY A 212 -21.81 10.49 -26.88
C GLY A 212 -22.16 9.06 -27.24
N THR A 213 -21.53 8.12 -26.55
CA THR A 213 -21.79 6.71 -26.79
C THR A 213 -21.93 6.02 -25.44
N SER A 214 -21.30 4.86 -25.31
CA SER A 214 -21.34 4.13 -24.05
C SER A 214 -20.03 3.37 -23.99
N ALA A 215 -19.70 2.84 -22.83
CA ALA A 215 -18.46 2.10 -22.68
C ALA A 215 -18.52 1.20 -21.46
N HIS A 216 -17.65 0.19 -21.46
CA HIS A 216 -17.60 -0.73 -20.33
C HIS A 216 -16.14 -1.07 -20.03
N MET A 217 -15.86 -1.30 -18.75
CA MET A 217 -14.52 -1.64 -18.33
C MET A 217 -14.23 -3.08 -18.72
N GLN A 218 -13.13 -3.27 -19.45
CA GLN A 218 -12.70 -4.59 -19.91
C GLN A 218 -11.70 -5.21 -18.94
N GLU A 219 -10.72 -4.42 -18.51
CA GLU A 219 -9.69 -4.87 -17.60
C GLU A 219 -9.31 -3.75 -16.64
N LEU A 220 -8.84 -4.13 -15.47
CA LEU A 220 -8.44 -3.17 -14.45
C LEU A 220 -7.28 -3.77 -13.65
N ARG A 221 -6.28 -2.95 -13.35
CA ARG A 221 -5.12 -3.38 -12.57
C ARG A 221 -4.74 -2.22 -11.66
N ARG A 222 -4.65 -2.48 -10.35
CA ARG A 222 -4.29 -1.40 -9.43
C ARG A 222 -2.78 -1.32 -9.31
N THR A 223 -2.24 -0.12 -9.50
CA THR A 223 -0.80 0.09 -9.44
C THR A 223 -0.32 0.78 -8.18
N LYS A 224 -1.26 1.36 -7.44
CA LYS A 224 -0.95 2.05 -6.19
C LYS A 224 -2.15 2.04 -5.26
N SER A 225 -1.89 1.77 -3.99
CA SER A 225 -2.93 1.76 -2.97
C SER A 225 -2.25 2.16 -1.66
N GLY A 226 -2.78 3.18 -1.01
CA GLY A 226 -2.15 3.64 0.22
C GLY A 226 -0.74 4.09 -0.12
N CYS A 227 0.23 3.70 0.70
CA CYS A 227 1.62 4.07 0.45
C CYS A 227 2.34 3.02 -0.40
N PHE A 228 1.62 1.99 -0.80
CA PHE A 228 2.21 0.91 -1.58
C PHE A 228 2.06 1.08 -3.08
N GLU A 229 3.11 0.65 -3.81
CA GLU A 229 3.16 0.74 -5.26
C GLU A 229 3.46 -0.63 -5.85
N GLU A 230 3.30 -0.74 -7.16
CA GLU A 230 3.52 -1.99 -7.86
C GLU A 230 4.93 -2.54 -7.60
N LYS A 231 5.89 -1.65 -7.44
CA LYS A 231 7.27 -2.07 -7.19
C LYS A 231 7.37 -2.83 -5.86
N ASP A 232 6.40 -2.65 -4.97
CA ASP A 232 6.40 -3.33 -3.66
C ASP A 232 5.68 -4.68 -3.72
N ALA A 233 4.89 -4.90 -4.76
CA ALA A 233 4.11 -6.12 -4.89
C ALA A 233 4.90 -7.39 -5.13
N VAL A 234 4.43 -8.48 -4.54
N VAL A 234 4.44 -8.48 -4.54
CA VAL A 234 5.08 -9.79 -4.65
CA VAL A 234 5.09 -9.78 -4.69
C VAL A 234 4.06 -10.86 -5.01
C VAL A 234 4.06 -10.84 -5.02
N TYR A 235 4.48 -11.87 -5.76
CA TYR A 235 3.59 -12.97 -6.13
C TYR A 235 3.45 -13.87 -4.92
N LEU A 236 2.29 -14.48 -4.76
CA LEU A 236 2.05 -15.39 -3.65
C LEU A 236 3.06 -16.54 -3.66
N GLN A 237 3.46 -16.97 -4.85
CA GLN A 237 4.44 -18.06 -4.97
C GLN A 237 5.77 -17.66 -4.32
N ASP A 238 6.17 -16.40 -4.51
CA ASP A 238 7.43 -15.92 -3.93
C ASP A 238 7.32 -15.73 -2.43
N LEU A 239 6.12 -15.40 -1.94
CA LEU A 239 5.91 -15.26 -0.50
C LEU A 239 5.98 -16.66 0.11
N LEU A 240 5.37 -17.63 -0.57
CA LEU A 240 5.39 -19.00 -0.08
C LEU A 240 6.82 -19.52 -0.02
N ASP A 241 7.59 -19.30 -1.08
CA ASP A 241 8.98 -19.74 -1.11
C ASP A 241 9.79 -19.08 0.00
N ALA A 242 9.57 -17.78 0.20
CA ALA A 242 10.29 -17.04 1.25
C ALA A 242 10.08 -17.73 2.59
N TYR A 243 8.84 -18.11 2.87
CA TYR A 243 8.51 -18.77 4.13
C TYR A 243 9.27 -20.11 4.22
N VAL A 244 9.19 -20.90 3.16
CA VAL A 244 9.86 -22.19 3.14
C VAL A 244 11.36 -22.01 3.36
N PHE A 245 11.95 -21.02 2.70
CA PHE A 245 13.38 -20.76 2.83
C PHE A 245 13.74 -20.44 4.28
N TRP A 246 12.82 -19.83 5.00
CA TRP A 246 13.06 -19.47 6.39
C TRP A 246 12.91 -20.69 7.29
N LYS A 247 11.82 -21.42 7.10
CA LYS A 247 11.53 -22.61 7.88
C LYS A 247 12.47 -23.79 7.63
N GLU A 248 13.00 -23.90 6.41
CA GLU A 248 13.89 -24.99 6.06
C GLU A 248 15.36 -24.59 6.06
N ASP A 249 15.72 -23.71 5.13
CA ASP A 249 17.08 -23.22 4.98
C ASP A 249 17.46 -22.27 6.11
N GLY A 250 16.50 -21.95 6.98
CA GLY A 250 16.76 -21.06 8.09
C GLY A 250 17.22 -19.68 7.63
N ASP A 251 16.87 -19.31 6.40
CA ASP A 251 17.26 -18.02 5.84
C ASP A 251 16.08 -17.05 5.87
N GLU A 252 16.29 -15.88 6.47
CA GLU A 252 15.26 -14.85 6.59
C GLU A 252 15.29 -13.82 5.46
N GLU A 253 16.35 -13.85 4.67
CA GLU A 253 16.54 -12.90 3.57
C GLU A 253 15.32 -12.65 2.69
N GLU A 254 14.72 -13.71 2.15
CA GLU A 254 13.55 -13.55 1.28
C GLU A 254 12.34 -13.02 2.03
N LEU A 255 12.09 -13.52 3.23
CA LEU A 255 10.96 -13.05 4.02
C LEU A 255 11.10 -11.56 4.30
N ARG A 256 12.33 -11.13 4.60
CA ARG A 256 12.60 -9.73 4.89
C ARG A 256 12.46 -8.86 3.65
N ARG A 257 12.62 -9.45 2.48
CA ARG A 257 12.46 -8.70 1.25
C ARG A 257 10.98 -8.53 0.90
N VAL A 258 10.18 -9.55 1.19
CA VAL A 258 8.75 -9.49 0.85
C VAL A 258 7.80 -8.95 1.92
N ILE A 259 8.21 -8.99 3.18
CA ILE A 259 7.36 -8.46 4.24
C ILE A 259 7.86 -7.07 4.63
N LYS A 260 6.98 -6.08 4.56
CA LYS A 260 7.36 -4.74 4.93
C LYS A 260 6.80 -4.40 6.29
N PRO A 261 7.51 -3.57 7.07
CA PRO A 261 6.99 -3.21 8.39
C PRO A 261 5.75 -2.35 8.18
N MET A 262 4.77 -2.49 9.06
CA MET A 262 3.55 -1.70 8.92
C MET A 262 3.81 -0.19 8.85
N GLU A 263 4.96 0.24 9.39
CA GLU A 263 5.29 1.66 9.37
C GLU A 263 5.37 2.15 7.92
N TYR A 264 5.68 1.24 7.01
CA TYR A 264 5.80 1.57 5.59
C TYR A 264 4.44 2.00 5.00
N GLY A 265 3.36 1.51 5.58
CA GLY A 265 2.04 1.88 5.10
C GLY A 265 1.44 3.07 5.83
N LEU A 266 2.23 3.74 6.64
CA LEU A 266 1.78 4.90 7.41
C LEU A 266 2.63 6.15 7.16
N ARG A 267 3.46 6.10 6.13
CA ARG A 267 4.33 7.23 5.80
C ARG A 267 3.63 8.51 5.34
N HIS A 268 2.37 8.41 4.98
CA HIS A 268 1.62 9.59 4.53
C HIS A 268 1.12 10.48 5.68
N LEU A 269 1.26 10.01 6.91
CA LEU A 269 0.78 10.78 8.05
C LEU A 269 1.83 11.68 8.69
N LYS A 270 1.41 12.85 9.15
CA LYS A 270 2.30 13.77 9.86
C LYS A 270 2.64 13.02 11.14
N LYS A 271 3.80 13.31 11.72
CA LYS A 271 4.25 12.60 12.92
C LYS A 271 4.45 13.43 14.18
N VAL A 272 4.34 12.74 15.30
CA VAL A 272 4.61 13.29 16.62
C VAL A 272 5.48 12.20 17.21
N VAL A 273 6.78 12.50 17.37
CA VAL A 273 7.74 11.55 17.92
C VAL A 273 7.86 11.78 19.42
N VAL A 274 7.57 10.74 20.20
CA VAL A 274 7.60 10.85 21.66
C VAL A 274 8.81 10.20 22.34
N LYS A 275 9.08 10.66 23.55
CA LYS A 275 10.18 10.14 24.36
C LYS A 275 9.87 8.71 24.80
N ASP A 276 10.90 7.93 25.09
CA ASP A 276 10.72 6.55 25.54
C ASP A 276 9.78 6.46 26.74
N SER A 277 9.96 7.39 27.68
CA SER A 277 9.17 7.41 28.91
C SER A 277 7.67 7.60 28.72
N ALA A 278 7.25 8.00 27.52
CA ALA A 278 5.85 8.21 27.26
C ALA A 278 5.17 7.07 26.49
N VAL A 279 5.97 6.19 25.90
CA VAL A 279 5.46 5.09 25.10
C VAL A 279 4.52 4.08 25.75
N ASP A 280 4.97 3.42 26.82
CA ASP A 280 4.11 2.42 27.46
C ASP A 280 2.82 3.03 28.00
N ALA A 281 2.88 4.27 28.45
CA ALA A 281 1.69 4.94 28.98
C ALA A 281 0.67 5.07 27.85
N ILE A 282 1.15 5.47 26.67
CA ILE A 282 0.30 5.64 25.50
C ILE A 282 -0.26 4.28 25.08
N CYS A 283 0.55 3.23 25.20
CA CYS A 283 0.08 1.91 24.83
C CYS A 283 -1.05 1.47 25.76
N HIS A 284 -1.09 2.03 26.97
CA HIS A 284 -2.13 1.69 27.93
C HIS A 284 -3.31 2.65 27.91
N GLY A 285 -3.40 3.49 26.88
CA GLY A 285 -4.52 4.41 26.77
C GLY A 285 -4.29 5.88 27.05
N ALA A 286 -3.10 6.25 27.50
CA ALA A 286 -2.82 7.66 27.77
C ALA A 286 -2.78 8.46 26.47
N ASP A 287 -3.07 9.76 26.57
CA ASP A 287 -3.00 10.62 25.39
C ASP A 287 -1.55 11.11 25.34
N VAL A 288 -1.21 11.89 24.31
CA VAL A 288 0.14 12.42 24.18
C VAL A 288 0.20 13.84 24.71
N TYR A 289 0.99 14.04 25.76
CA TYR A 289 1.13 15.36 26.37
C TYR A 289 2.31 16.12 25.79
N VAL A 290 2.21 17.45 25.79
CA VAL A 290 3.27 18.30 25.25
C VAL A 290 4.66 17.89 25.75
N ARG A 291 4.80 17.68 27.05
CA ARG A 291 6.08 17.30 27.63
C ARG A 291 6.61 15.93 27.24
N GLY A 292 5.82 15.15 26.51
CA GLY A 292 6.28 13.84 26.08
C GLY A 292 6.78 13.84 24.65
N ILE A 293 6.70 14.99 24.00
CA ILE A 293 7.11 15.11 22.60
C ILE A 293 8.57 15.55 22.40
N ALA A 294 9.29 14.81 21.57
CA ALA A 294 10.69 15.11 21.26
C ALA A 294 10.78 15.81 19.92
N LYS A 295 10.03 15.32 18.93
CA LYS A 295 10.01 15.90 17.59
C LYS A 295 8.63 15.77 16.96
N LEU A 296 8.34 16.63 15.99
CA LEU A 296 7.06 16.57 15.30
C LEU A 296 7.13 17.20 13.92
N SER A 297 6.19 16.84 13.06
CA SER A 297 6.14 17.37 11.70
C SER A 297 5.72 18.82 11.70
N LYS A 298 6.14 19.54 10.67
CA LYS A 298 5.77 20.94 10.52
C LYS A 298 4.35 20.94 9.95
N GLY A 299 3.59 21.99 10.21
CA GLY A 299 2.26 22.08 9.67
C GLY A 299 1.17 21.19 10.23
N ILE A 300 1.35 20.65 11.42
CA ILE A 300 0.29 19.83 12.00
C ILE A 300 -0.83 20.79 12.42
N GLY A 301 -2.04 20.52 11.95
CA GLY A 301 -3.16 21.38 12.30
C GLY A 301 -4.09 20.70 13.29
N LYS A 302 -4.79 21.50 14.09
CA LYS A 302 -5.72 20.96 15.07
C LYS A 302 -6.74 20.07 14.37
N GLY A 303 -7.05 18.93 14.96
CA GLY A 303 -8.02 18.02 14.38
C GLY A 303 -7.42 17.05 13.36
N GLU A 304 -6.19 17.32 12.93
CA GLU A 304 -5.54 16.46 11.94
C GLU A 304 -5.12 15.12 12.52
N THR A 305 -5.26 14.06 11.72
CA THR A 305 -4.85 12.72 12.15
C THR A 305 -3.34 12.65 12.08
N VAL A 306 -2.70 12.22 13.16
CA VAL A 306 -1.25 12.11 13.20
C VAL A 306 -0.80 10.77 13.74
N LEU A 307 0.40 10.36 13.34
CA LEU A 307 0.98 9.11 13.79
C LEU A 307 1.89 9.41 14.97
N VAL A 308 1.77 8.62 16.02
CA VAL A 308 2.61 8.76 17.20
C VAL A 308 3.71 7.70 17.01
N GLU A 309 4.97 8.13 16.95
CA GLU A 309 6.10 7.19 16.77
C GLU A 309 7.11 7.30 17.90
N THR A 310 7.90 6.25 18.06
CA THR A 310 8.97 6.23 19.06
C THR A 310 10.16 6.89 18.39
N LEU A 311 11.21 7.11 19.17
CA LEU A 311 12.42 7.72 18.65
C LEU A 311 13.11 6.79 17.64
N LYS A 312 12.73 5.52 17.64
CA LYS A 312 13.34 4.55 16.72
C LYS A 312 12.53 4.43 15.43
N GLY A 313 11.43 5.16 15.34
CA GLY A 313 10.61 5.12 14.14
C GLY A 313 9.47 4.12 14.17
N GLU A 314 9.24 3.50 15.32
CA GLU A 314 8.17 2.51 15.48
C GLU A 314 6.83 3.21 15.63
N ALA A 315 5.82 2.71 14.93
CA ALA A 315 4.47 3.27 15.02
C ALA A 315 3.86 2.85 16.35
N VAL A 316 3.51 3.82 17.19
CA VAL A 316 2.91 3.53 18.48
C VAL A 316 1.39 3.57 18.42
N ALA A 317 0.85 4.60 17.76
CA ALA A 317 -0.59 4.77 17.66
C ALA A 317 -0.92 5.94 16.75
N VAL A 318 -2.23 6.18 16.57
CA VAL A 318 -2.69 7.31 15.76
C VAL A 318 -3.73 8.05 16.59
N GLY A 319 -3.92 9.32 16.26
CA GLY A 319 -4.87 10.12 16.99
C GLY A 319 -5.09 11.47 16.31
N LYS A 320 -5.86 12.34 16.97
CA LYS A 320 -6.16 13.66 16.42
C LYS A 320 -5.32 14.73 17.13
N ALA A 321 -4.73 15.63 16.36
CA ALA A 321 -3.92 16.69 16.95
C ALA A 321 -4.87 17.65 17.65
N LEU A 322 -4.55 17.99 18.89
CA LEU A 322 -5.35 18.92 19.68
C LEU A 322 -4.72 20.31 19.60
N MET A 323 -3.47 20.35 19.18
CA MET A 323 -2.74 21.62 19.03
C MET A 323 -2.00 21.61 17.70
N ASN A 324 -1.65 22.78 17.18
CA ASN A 324 -0.91 22.83 15.93
C ASN A 324 0.57 22.77 16.29
N THR A 325 1.41 22.55 15.28
CA THR A 325 2.85 22.45 15.49
C THR A 325 3.43 23.57 16.36
N LYS A 326 3.09 24.82 16.05
CA LYS A 326 3.61 25.94 16.82
C LYS A 326 3.16 25.97 18.28
N GLU A 327 1.88 25.74 18.53
CA GLU A 327 1.36 25.71 19.89
C GLU A 327 2.14 24.66 20.68
N ILE A 328 2.36 23.50 20.08
N ILE A 328 2.36 23.51 20.07
CA ILE A 328 3.10 22.42 20.73
CA ILE A 328 3.11 22.42 20.70
C ILE A 328 4.53 22.87 21.02
C ILE A 328 4.52 22.89 21.03
N LEU A 329 5.14 23.57 20.07
CA LEU A 329 6.49 24.08 20.25
C LEU A 329 6.58 25.15 21.32
N ASN A 330 5.54 25.97 21.45
CA ASN A 330 5.54 27.03 22.45
C ASN A 330 5.04 26.62 23.83
N ALA A 331 4.23 25.57 23.89
CA ALA A 331 3.66 25.11 25.14
C ALA A 331 4.67 24.39 26.04
N ASP A 332 4.38 24.38 27.34
CA ASP A 332 5.24 23.72 28.32
C ASP A 332 4.39 22.70 29.05
N LYS A 333 3.10 22.70 28.74
CA LYS A 333 2.13 21.78 29.33
C LYS A 333 0.97 21.60 28.37
N GLY A 334 0.09 20.66 28.69
CA GLY A 334 -1.07 20.43 27.84
C GLY A 334 -1.07 19.09 27.13
N VAL A 335 -2.23 18.73 26.59
CA VAL A 335 -2.40 17.48 25.86
C VAL A 335 -2.26 17.80 24.37
N ALA A 336 -1.30 17.18 23.73
CA ALA A 336 -1.03 17.41 22.31
C ALA A 336 -1.85 16.56 21.35
N VAL A 337 -2.01 15.29 21.69
CA VAL A 337 -2.75 14.38 20.80
C VAL A 337 -3.77 13.53 21.52
N ASP A 338 -4.98 13.47 20.95
CA ASP A 338 -6.04 12.64 21.48
C ASP A 338 -5.90 11.30 20.75
N VAL A 339 -5.31 10.32 21.43
CA VAL A 339 -5.06 9.00 20.84
C VAL A 339 -6.32 8.20 20.58
N GLU A 340 -6.48 7.74 19.35
CA GLU A 340 -7.67 6.99 18.96
C GLU A 340 -7.51 5.48 18.75
N ARG A 341 -6.29 5.03 18.47
CA ARG A 341 -6.03 3.59 18.29
C ARG A 341 -4.56 3.32 18.57
N VAL A 342 -4.31 2.33 19.40
CA VAL A 342 -2.95 1.93 19.75
C VAL A 342 -2.51 0.78 18.85
N TYR A 343 -1.27 0.87 18.32
CA TYR A 343 -0.73 -0.15 17.42
C TYR A 343 0.29 -1.06 18.10
N MET A 344 1.03 -0.51 19.04
CA MET A 344 2.08 -1.24 19.75
C MET A 344 1.60 -2.01 20.98
N ASP A 345 2.11 -3.22 21.17
CA ASP A 345 1.75 -4.06 22.31
C ASP A 345 2.23 -3.43 23.63
N ARG A 346 1.41 -3.55 24.67
CA ARG A 346 1.77 -3.02 25.97
C ARG A 346 3.03 -3.77 26.42
N GLY A 347 3.85 -3.11 27.22
CA GLY A 347 5.06 -3.76 27.69
C GLY A 347 6.23 -3.77 26.72
N THR A 348 6.08 -3.14 25.57
CA THR A 348 7.19 -3.11 24.61
C THR A 348 8.22 -2.15 25.20
N TYR A 349 7.74 -1.03 25.71
CA TYR A 349 8.60 -0.04 26.34
C TYR A 349 8.33 -0.07 27.85
N PRO A 350 9.28 0.45 28.65
CA PRO A 350 9.19 0.50 30.12
C PRO A 350 8.02 1.27 30.71
N ARG A 351 7.36 0.68 31.69
CA ARG A 351 6.27 1.37 32.38
C ARG A 351 7.00 2.34 33.31
N MET A 352 6.47 3.55 33.47
CA MET A 352 7.12 4.52 34.34
C MET A 352 6.37 4.71 35.66
N GLU B 3 -10.47 -10.02 -28.78
CA GLU B 3 -10.57 -9.14 -27.58
C GLU B 3 -9.19 -8.60 -27.19
N MSE B 4 -9.10 -7.29 -27.06
CA MSE B 4 -7.85 -6.64 -26.68
C MSE B 4 -7.51 -6.90 -25.22
O MSE B 4 -8.41 -7.10 -24.40
CB MSE B 4 -7.94 -5.13 -26.93
CG MSE B 4 -8.04 -4.77 -28.39
SE MSE B 4 -6.53 -3.78 -28.99
CE MSE B 4 -5.30 -4.22 -27.58
N ARG B 5 -6.23 -6.90 -24.91
CA ARG B 5 -5.78 -7.12 -23.54
C ARG B 5 -4.65 -6.13 -23.28
N MSE B 6 -4.58 -5.57 -22.07
CA MSE B 6 -3.51 -4.63 -21.79
C MSE B 6 -2.18 -5.39 -21.71
O MSE B 6 -2.14 -6.59 -21.39
CB MSE B 6 -3.75 -3.85 -20.48
CG MSE B 6 -3.38 -4.55 -19.19
SE MSE B 6 -3.49 -3.35 -17.65
CE MSE B 6 -5.42 -3.04 -17.71
N LYS B 7 -1.11 -4.69 -22.05
CA LYS B 7 0.21 -5.27 -22.04
C LYS B 7 1.08 -4.35 -21.20
N LYS B 8 2.28 -4.83 -20.90
CA LYS B 8 3.23 -4.06 -20.10
C LYS B 8 4.63 -4.41 -20.57
N CYS B 9 5.49 -3.40 -20.68
CA CYS B 9 6.85 -3.66 -21.11
C CYS B 9 7.65 -4.21 -19.94
N PRO B 10 8.25 -5.41 -20.11
CA PRO B 10 9.04 -6.07 -19.07
C PRO B 10 10.24 -5.23 -18.64
N LYS B 11 10.70 -4.35 -19.53
CA LYS B 11 11.86 -3.51 -19.25
C LYS B 11 11.52 -2.14 -18.65
N CYS B 12 10.80 -1.32 -19.40
N CYS B 12 10.79 -1.33 -19.40
CA CYS B 12 10.46 0.01 -18.91
CA CYS B 12 10.41 0.01 -18.98
C CYS B 12 9.30 0.02 -17.90
C CYS B 12 9.30 0.01 -17.91
N GLY B 13 8.50 -1.05 -17.90
CA GLY B 13 7.39 -1.14 -16.96
C GLY B 13 6.22 -0.25 -17.35
N LEU B 14 6.19 0.12 -18.62
CA LEU B 14 5.14 0.96 -19.17
C LEU B 14 3.95 0.11 -19.66
N TYR B 15 2.74 0.66 -19.55
CA TYR B 15 1.54 -0.05 -19.99
C TYR B 15 1.14 0.39 -21.39
N THR B 16 0.77 -0.58 -22.22
CA THR B 16 0.39 -0.28 -23.60
C THR B 16 -0.49 -1.37 -24.18
N LEU B 17 -1.01 -1.14 -25.38
CA LEU B 17 -1.82 -2.13 -26.06
C LEU B 17 -0.98 -2.78 -27.16
N LYS B 18 0.19 -2.22 -27.41
CA LYS B 18 1.09 -2.71 -28.45
C LYS B 18 1.80 -4.00 -28.05
N GLU B 19 2.11 -4.83 -29.04
CA GLU B 19 2.81 -6.09 -28.82
C GLU B 19 4.29 -5.82 -28.59
N ILE B 20 4.76 -4.67 -29.04
CA ILE B 20 6.16 -4.27 -28.89
C ILE B 20 6.19 -2.88 -28.27
N CYS B 21 6.98 -2.73 -27.22
CA CYS B 21 7.08 -1.44 -26.55
C CYS B 21 7.50 -0.34 -27.51
N PRO B 22 6.90 0.85 -27.38
CA PRO B 22 7.22 1.99 -28.26
C PRO B 22 8.37 2.83 -27.70
N LYS B 23 8.75 2.58 -26.45
CA LYS B 23 9.83 3.35 -25.83
C LYS B 23 11.13 2.56 -25.61
N CYS B 24 11.05 1.23 -25.67
N CYS B 24 11.07 1.24 -25.70
CA CYS B 24 12.22 0.38 -25.47
CA CYS B 24 12.26 0.43 -25.50
C CYS B 24 12.44 -0.55 -26.64
C CYS B 24 12.46 -0.56 -26.65
N GLY B 25 11.71 -1.66 -26.67
CA GLY B 25 11.87 -2.60 -27.77
C GLY B 25 11.34 -4.00 -27.53
N GLU B 26 11.57 -4.52 -26.34
CA GLU B 26 11.14 -5.87 -25.98
C GLU B 26 9.65 -6.14 -26.18
N LYS B 27 9.34 -7.40 -26.52
CA LYS B 27 7.94 -7.81 -26.72
C LYS B 27 7.28 -7.55 -25.37
N THR B 28 6.09 -6.97 -25.39
CA THR B 28 5.39 -6.68 -24.14
C THR B 28 4.76 -7.97 -23.65
N VAL B 29 4.39 -8.00 -22.37
CA VAL B 29 3.78 -9.18 -21.78
C VAL B 29 2.47 -8.87 -21.07
N ILE B 30 1.71 -9.92 -20.76
CA ILE B 30 0.45 -9.77 -20.04
C ILE B 30 0.83 -9.52 -18.58
N PRO B 31 0.32 -8.44 -17.99
CA PRO B 31 0.59 -8.07 -16.59
C PRO B 31 0.15 -9.05 -15.49
N LYS B 32 -0.84 -9.89 -15.79
CA LYS B 32 -1.37 -10.85 -14.83
C LYS B 32 -0.34 -11.69 -14.09
N PRO B 33 -0.54 -11.88 -12.78
N PRO B 33 -0.51 -11.86 -12.76
CA PRO B 33 0.38 -12.69 -11.95
CA PRO B 33 0.44 -12.68 -12.02
C PRO B 33 0.08 -14.16 -12.26
C PRO B 33 0.12 -14.14 -12.33
N PRO B 34 1.08 -15.05 -12.14
CA PRO B 34 0.81 -16.47 -12.42
C PRO B 34 -0.28 -17.02 -11.51
N LYS B 35 -1.10 -17.93 -12.03
CA LYS B 35 -2.18 -18.52 -11.24
C LYS B 35 -1.58 -19.18 -10.00
N PHE B 36 -2.28 -19.09 -8.87
CA PHE B 36 -1.80 -19.66 -7.63
C PHE B 36 -2.76 -20.65 -6.98
N SER B 37 -2.19 -21.63 -6.27
CA SER B 37 -2.98 -22.63 -5.54
C SER B 37 -2.11 -23.12 -4.39
N LEU B 38 -2.73 -23.34 -3.23
CA LEU B 38 -1.98 -23.82 -2.07
C LEU B 38 -1.27 -25.12 -2.40
N GLU B 39 -1.77 -25.81 -3.43
CA GLU B 39 -1.15 -27.06 -3.87
C GLU B 39 0.32 -26.83 -4.17
N ASP B 40 0.62 -25.65 -4.74
CA ASP B 40 2.01 -25.29 -5.05
C ASP B 40 2.68 -26.42 -5.82
N ARG B 41 1.98 -26.90 -6.85
CA ARG B 41 2.44 -28.00 -7.69
C ARG B 41 3.94 -28.06 -7.98
N TRP B 42 4.50 -27.04 -8.64
CA TRP B 42 5.92 -27.07 -9.03
C TRP B 42 6.75 -26.29 -8.01
N GLY B 43 6.28 -26.09 -6.79
CA GLY B 43 7.06 -25.37 -5.79
C GLY B 43 8.44 -25.93 -5.54
N LYS B 44 8.54 -27.26 -5.43
CA LYS B 44 9.83 -27.89 -5.17
C LYS B 44 10.86 -27.52 -6.24
N TYR B 45 10.45 -27.60 -7.49
CA TYR B 45 11.36 -27.32 -8.61
C TYR B 45 11.71 -25.83 -8.59
N ARG B 46 10.73 -24.97 -8.42
CA ARG B 46 10.96 -23.54 -8.40
C ARG B 46 11.97 -23.14 -7.32
N ARG B 47 11.79 -23.70 -6.12
CA ARG B 47 12.69 -23.40 -5.02
C ARG B 47 14.07 -24.01 -5.27
N MSE B 48 14.10 -25.17 -5.92
CA MSE B 48 15.36 -25.84 -6.23
C MSE B 48 16.20 -24.87 -7.06
O MSE B 48 17.38 -24.65 -6.77
CB MSE B 48 15.09 -27.11 -7.04
CG MSE B 48 16.35 -27.86 -7.55
SE MSE B 48 17.25 -27.10 -9.12
CE MSE B 48 19.01 -26.87 -8.37
N LEU B 49 15.58 -24.29 -8.07
CA LEU B 49 16.25 -23.34 -8.95
C LEU B 49 16.77 -22.12 -8.21
N LYS B 50 15.92 -21.51 -7.39
CA LYS B 50 16.33 -20.33 -6.64
C LYS B 50 17.56 -20.62 -5.79
N ARG B 51 17.55 -21.77 -5.10
CA ARG B 51 18.68 -22.15 -4.26
C ARG B 51 19.94 -22.25 -5.08
N ALA B 52 19.89 -23.02 -6.16
CA ALA B 52 21.05 -23.18 -7.02
C ALA B 52 21.53 -21.84 -7.55
N LEU B 53 20.62 -21.10 -8.18
CA LEU B 53 20.96 -19.79 -8.74
C LEU B 53 21.63 -18.88 -7.71
N LYS B 54 21.24 -19.00 -6.45
CA LYS B 54 21.77 -18.16 -5.40
C LYS B 54 23.20 -18.44 -4.94
N ASN B 55 23.57 -19.72 -4.81
CA ASN B 55 24.93 -20.04 -4.41
C ASN B 55 25.80 -20.06 -5.66
N LYS B 56 25.50 -19.11 -6.56
CA LYS B 56 26.20 -18.91 -7.83
C LYS B 56 26.20 -17.39 -7.99
N ASN B 57 25.46 -16.88 -8.98
CA ASN B 57 25.40 -15.44 -9.16
C ASN B 57 24.33 -14.82 -8.25
K K C . -12.23 -1.15 -32.50
K K D . -5.08 -0.66 0.49
ZN ZN E . 9.81 -0.44 -22.79
#